data_6NUN
#
_entry.id   6NUN
#
_cell.length_a   86.980
_cell.length_b   86.980
_cell.length_c   115.500
_cell.angle_alpha   90.00
_cell.angle_beta   90.00
_cell.angle_gamma   120.00
#
_symmetry.space_group_name_H-M   'P 31 2 1'
#
loop_
_entity.id
_entity.type
_entity.pdbx_description
1 polymer Beta-fructofuranosidase
2 non-polymer 1,2-ETHANEDIOL
3 non-polymer beta-D-fructofuranose
4 water water
#
_entity_poly.entity_id   1
_entity_poly.type   'polypeptide(L)'
_entity_poly.pdbx_seq_one_letter_code
;MTGFTPDAPVLHEIKNHSEELTKAEAGVAAFAAKRNNRWYPKFHIASNGGWINDPNGLCFYKGRWHVFYQLHPYGTQWGP
MHWGHVSSADMVNWKREPIMFAPSLEEEKDGVFSGSAVIGDDGKLKFYYTGHRWANGKDNTGGDWQVQMLAEPDNDELTS
ATKRGMVIDCPTDKVNHHYRDPKVWKTGDKWYMTFGVSSAEKRGQMWLFSSDDMVKWTYEQVLFEHPDSNVFMLECPDFF
PIKDVEGNEKWVIGFSAMGAKPSGFMNRNVNNAGYMIGTWTPGEQFKPETEFRLWDCGHNYYAPQSFNDGKRQIVYGWMS
PFVEPIPMQDDGWCGNLTLPREITLGADGDLHTAPVAEMEGLREDTVDFGAIDLDVSGEKTIVDDAEAVEIEMTIDLANS
TAERAGLRVHATEDGAYTSVAYDDQIGRVVVDRQANAQGDRGYRTAPLSEAELAAGELKLRVYVDRGCVEVYVNDGRQVL
SSYSYASEGPRAIKLVAESGTLKVKSLVLHHMKSIGLE
;
_entity_poly.pdbx_strand_id   A
#
loop_
_chem_comp.id
_chem_comp.type
_chem_comp.name
_chem_comp.formula
EDO non-polymer 1,2-ETHANEDIOL 'C2 H6 O2'
FRU D-saccharide, beta linking beta-D-fructofuranose 'C6 H12 O6'
#
# COMPACT_ATOMS: atom_id res chain seq x y z
N GLY A 3 18.66 29.27 4.05
CA GLY A 3 19.69 28.19 4.07
C GLY A 3 19.42 27.18 2.96
N PHE A 4 18.58 26.17 3.24
CA PHE A 4 18.24 25.08 2.29
C PHE A 4 16.76 25.17 1.90
N THR A 5 16.14 26.35 2.09
CA THR A 5 14.71 26.61 1.74
C THR A 5 14.64 27.85 0.87
N PRO A 6 14.79 27.71 -0.46
CA PRO A 6 14.74 28.84 -1.37
C PRO A 6 13.45 29.67 -1.31
N ASP A 7 13.60 30.99 -1.49
CA ASP A 7 12.51 31.99 -1.50
C ASP A 7 11.54 31.66 -2.63
N ALA A 8 12.06 31.06 -3.71
CA ALA A 8 11.26 30.69 -4.91
C ALA A 8 11.73 29.35 -5.44
N PRO A 9 10.83 28.57 -6.10
CA PRO A 9 11.20 27.27 -6.67
C PRO A 9 12.39 27.39 -7.64
N VAL A 10 13.33 26.46 -7.53
CA VAL A 10 14.57 26.43 -8.34
C VAL A 10 14.40 25.42 -9.48
N LEU A 11 14.34 25.92 -10.73
CA LEU A 11 14.08 25.07 -11.93
C LEU A 11 15.35 24.91 -12.79
N HIS A 12 15.88 23.69 -12.86
CA HIS A 12 17.09 23.33 -13.67
C HIS A 12 16.71 22.27 -14.69
N GLU A 13 16.06 22.69 -15.77
CA GLU A 13 15.56 21.82 -16.85
C GLU A 13 16.76 21.27 -17.63
N ILE A 14 16.89 19.95 -17.75
CA ILE A 14 18.05 19.28 -18.42
C ILE A 14 17.57 18.36 -19.56
N LYS A 15 16.29 17.97 -19.59
CA LYS A 15 15.77 17.10 -20.65
C LYS A 15 14.42 17.65 -21.11
N ASN A 16 13.96 17.25 -22.30
CA ASN A 16 12.63 17.66 -22.82
C ASN A 16 11.61 16.70 -22.18
N HIS A 17 10.76 17.20 -21.29
CA HIS A 17 9.87 16.34 -20.47
C HIS A 17 8.99 15.49 -21.39
N SER A 18 8.38 16.12 -22.38
CA SER A 18 7.48 15.44 -23.34
C SER A 18 8.22 14.27 -24.03
N GLU A 19 9.49 14.46 -24.40
CA GLU A 19 10.31 13.42 -25.07
C GLU A 19 10.54 12.25 -24.09
N GLU A 20 10.91 12.54 -22.84
CA GLU A 20 11.18 11.49 -21.81
C GLU A 20 9.87 10.76 -21.48
N LEU A 21 8.75 11.45 -21.42
CA LEU A 21 7.43 10.82 -21.23
C LEU A 21 7.15 9.86 -22.40
N THR A 22 7.34 10.30 -23.65
CA THR A 22 7.06 9.46 -24.84
C THR A 22 7.94 8.19 -24.79
N LYS A 23 9.21 8.31 -24.36
CA LYS A 23 10.14 7.15 -24.25
C LYS A 23 9.53 6.15 -23.25
N ALA A 24 9.01 6.66 -22.14
CA ALA A 24 8.48 5.84 -21.03
C ALA A 24 7.22 5.11 -21.51
N GLU A 25 6.34 5.78 -22.27
CA GLU A 25 5.11 5.15 -22.81
C GLU A 25 5.51 3.93 -23.64
N ALA A 26 6.58 4.03 -24.42
CA ALA A 26 7.00 2.92 -25.32
C ALA A 26 7.42 1.72 -24.46
N GLY A 27 8.21 1.97 -23.41
CA GLY A 27 8.69 0.93 -22.50
C GLY A 27 7.53 0.14 -21.93
N VAL A 28 6.55 0.80 -21.31
CA VAL A 28 5.42 0.10 -20.64
C VAL A 28 4.55 -0.58 -21.70
N ALA A 29 4.33 0.05 -22.85
CA ALA A 29 3.47 -0.53 -23.91
C ALA A 29 4.14 -1.78 -24.49
N ALA A 30 5.46 -1.77 -24.71
CA ALA A 30 6.20 -2.95 -25.23
C ALA A 30 6.03 -4.13 -24.25
N PHE A 31 6.15 -3.87 -22.95
CA PHE A 31 6.03 -4.93 -21.92
C PHE A 31 4.60 -5.46 -21.92
N ALA A 32 3.61 -4.56 -22.01
CA ALA A 32 2.18 -4.91 -21.94
C ALA A 32 1.86 -5.88 -23.07
N ALA A 33 2.39 -5.63 -24.27
CA ALA A 33 2.10 -6.44 -25.48
C ALA A 33 2.66 -7.87 -25.37
N LYS A 34 3.69 -8.09 -24.55
CA LYS A 34 4.40 -9.40 -24.42
C LYS A 34 4.08 -10.03 -23.05
N ARG A 35 3.19 -9.40 -22.27
CA ARG A 35 2.88 -9.76 -20.86
C ARG A 35 2.32 -11.18 -20.76
N ASN A 36 2.69 -11.92 -19.72
CA ASN A 36 2.00 -13.18 -19.38
C ASN A 36 0.92 -12.83 -18.35
N ASN A 37 -0.35 -13.10 -18.65
CA ASN A 37 -1.49 -12.70 -17.78
C ASN A 37 -1.79 -13.73 -16.69
N ARG A 38 -0.97 -14.78 -16.51
CA ARG A 38 -1.28 -15.85 -15.51
C ARG A 38 -1.56 -15.26 -14.11
N TRP A 39 -0.81 -14.25 -13.67
CA TRP A 39 -0.95 -13.66 -12.31
C TRP A 39 -1.35 -12.20 -12.39
N TYR A 40 -1.61 -11.67 -13.59
CA TYR A 40 -1.86 -10.22 -13.76
C TYR A 40 -3.22 -9.91 -13.14
N PRO A 41 -3.35 -8.86 -12.30
CA PRO A 41 -4.61 -8.61 -11.63
C PRO A 41 -5.76 -8.23 -12.58
N LYS A 42 -6.95 -8.75 -12.26
CA LYS A 42 -8.23 -8.38 -12.91
C LYS A 42 -8.81 -7.16 -12.19
N PHE A 43 -8.61 -7.01 -10.87
CA PHE A 43 -9.29 -5.94 -10.10
C PHE A 43 -8.37 -5.22 -9.10
N HIS A 44 -7.05 -5.29 -9.28
CA HIS A 44 -6.03 -4.44 -8.61
C HIS A 44 -5.33 -3.56 -9.64
N ILE A 45 -4.79 -2.45 -9.17
CA ILE A 45 -4.02 -1.51 -10.03
C ILE A 45 -2.57 -2.01 -10.16
N ALA A 46 -2.15 -2.29 -11.39
CA ALA A 46 -0.73 -2.50 -11.75
C ALA A 46 -0.36 -1.58 -12.90
N SER A 47 0.92 -1.49 -13.26
CA SER A 47 1.29 -0.90 -14.58
C SER A 47 0.69 -1.80 -15.67
N ASN A 48 0.51 -1.26 -16.88
CA ASN A 48 0.18 -2.14 -18.03
C ASN A 48 1.40 -2.98 -18.35
N GLY A 49 2.58 -2.43 -18.06
CA GLY A 49 3.87 -3.13 -18.24
C GLY A 49 4.95 -2.60 -17.31
N GLY A 50 5.88 -3.47 -16.95
CA GLY A 50 7.03 -3.13 -16.11
C GLY A 50 6.67 -3.10 -14.63
N TRP A 51 7.61 -2.62 -13.84
CA TRP A 51 7.57 -2.67 -12.37
C TRP A 51 6.83 -1.43 -11.85
N ILE A 52 6.00 -1.60 -10.81
CA ILE A 52 5.59 -0.44 -9.96
C ILE A 52 6.01 -0.66 -8.51
N ASN A 53 6.08 0.42 -7.76
CA ASN A 53 6.10 0.34 -6.28
C ASN A 53 5.07 1.35 -5.73
N ASP A 54 5.50 2.30 -4.90
CA ASP A 54 4.65 3.08 -3.95
C ASP A 54 3.47 3.75 -4.66
N PRO A 55 2.26 3.77 -4.07
CA PRO A 55 1.22 4.71 -4.51
C PRO A 55 1.69 6.16 -4.23
N ASN A 56 1.39 7.03 -5.16
CA ASN A 56 1.80 8.45 -5.12
C ASN A 56 0.60 9.34 -5.49
N GLY A 57 0.61 10.60 -5.05
CA GLY A 57 -0.29 11.65 -5.55
C GLY A 57 -1.76 11.28 -5.40
N LEU A 58 -2.10 10.50 -4.37
CA LEU A 58 -3.48 10.01 -4.16
C LEU A 58 -4.39 11.20 -3.87
N CYS A 59 -5.52 11.31 -4.58
CA CYS A 59 -6.50 12.38 -4.30
C CYS A 59 -7.87 12.04 -4.91
N PHE A 60 -8.85 12.79 -4.45
CA PHE A 60 -10.14 12.98 -5.15
C PHE A 60 -10.12 14.44 -5.61
N TYR A 61 -10.13 14.65 -6.93
CA TYR A 61 -9.90 16.01 -7.50
C TYR A 61 -10.84 16.23 -8.69
N LYS A 62 -11.62 17.31 -8.63
CA LYS A 62 -12.54 17.72 -9.73
C LYS A 62 -13.38 16.54 -10.23
N GLY A 63 -13.97 15.78 -9.31
CA GLY A 63 -14.90 14.68 -9.61
C GLY A 63 -14.23 13.34 -9.91
N ARG A 64 -12.91 13.21 -9.86
CA ARG A 64 -12.27 11.92 -10.19
C ARG A 64 -11.35 11.48 -9.06
N TRP A 65 -11.30 10.16 -8.89
CA TRP A 65 -10.29 9.42 -8.08
C TRP A 65 -9.02 9.30 -8.91
N HIS A 66 -7.90 9.73 -8.35
CA HIS A 66 -6.57 9.62 -8.99
C HIS A 66 -5.65 8.72 -8.17
N VAL A 67 -4.99 7.84 -8.88
CA VAL A 67 -3.90 7.04 -8.29
C VAL A 67 -2.70 7.20 -9.19
N PHE A 68 -1.58 7.67 -8.65
CA PHE A 68 -0.27 7.61 -9.33
C PHE A 68 0.60 6.59 -8.61
N TYR A 69 1.73 6.22 -9.22
CA TYR A 69 2.60 5.16 -8.63
C TYR A 69 4.01 5.30 -9.20
N GLN A 70 4.97 4.96 -8.34
CA GLN A 70 6.37 4.70 -8.73
C GLN A 70 6.34 3.64 -9.83
N LEU A 71 7.05 3.94 -10.92
CA LEU A 71 7.01 3.16 -12.18
C LEU A 71 8.43 3.07 -12.73
N HIS A 72 8.88 1.87 -13.05
CA HIS A 72 10.06 1.61 -13.91
C HIS A 72 9.55 1.16 -15.26
N PRO A 73 9.53 2.05 -16.29
CA PRO A 73 8.97 1.68 -17.58
C PRO A 73 9.79 0.64 -18.36
N TYR A 74 11.04 0.42 -18.00
CA TYR A 74 12.03 -0.29 -18.88
C TYR A 74 12.47 -1.63 -18.30
N GLY A 75 11.83 -2.11 -17.23
CA GLY A 75 12.06 -3.47 -16.73
C GLY A 75 11.10 -3.86 -15.63
N THR A 76 11.16 -5.12 -15.21
CA THR A 76 10.22 -5.68 -14.19
C THR A 76 10.91 -5.68 -12.82
N GLN A 77 12.12 -5.14 -12.74
CA GLN A 77 12.76 -4.81 -11.44
C GLN A 77 12.73 -3.29 -11.28
N TRP A 78 13.10 -2.84 -10.09
CA TRP A 78 13.16 -1.40 -9.77
C TRP A 78 14.22 -0.76 -10.68
N GLY A 79 14.01 0.50 -11.06
CA GLY A 79 14.94 1.20 -11.96
C GLY A 79 14.48 2.65 -12.11
N PRO A 80 15.10 3.42 -13.04
CA PRO A 80 14.79 4.83 -13.22
C PRO A 80 13.30 5.18 -13.03
N MET A 81 13.03 6.01 -12.04
CA MET A 81 11.68 6.16 -11.47
C MET A 81 10.91 7.28 -12.16
N HIS A 82 9.70 6.89 -12.56
CA HIS A 82 8.64 7.68 -13.21
C HIS A 82 7.40 7.60 -12.32
N TRP A 83 6.43 8.46 -12.56
CA TRP A 83 5.06 8.34 -12.00
C TRP A 83 4.12 7.90 -13.12
N GLY A 84 3.54 6.71 -12.98
CA GLY A 84 2.36 6.28 -13.75
C GLY A 84 1.09 6.86 -13.14
N HIS A 85 -0.04 6.68 -13.82
CA HIS A 85 -1.33 7.37 -13.50
C HIS A 85 -2.53 6.57 -14.01
N VAL A 86 -3.48 6.31 -13.12
CA VAL A 86 -4.82 5.77 -13.48
C VAL A 86 -5.87 6.63 -12.78
N SER A 87 -7.07 6.70 -13.35
CA SER A 87 -8.17 7.49 -12.74
C SER A 87 -9.50 6.79 -12.91
N SER A 88 -10.47 7.26 -12.15
CA SER A 88 -11.81 6.67 -12.09
C SER A 88 -12.82 7.72 -11.62
N ALA A 89 -14.07 7.63 -12.07
CA ALA A 89 -15.16 8.46 -11.51
C ALA A 89 -15.81 7.76 -10.31
N ASP A 90 -15.66 6.44 -10.15
CA ASP A 90 -16.53 5.66 -9.22
C ASP A 90 -15.71 4.67 -8.38
N MET A 91 -14.40 4.62 -8.60
CA MET A 91 -13.43 3.72 -7.91
C MET A 91 -13.64 2.25 -8.29
N VAL A 92 -14.52 1.96 -9.26
CA VAL A 92 -14.74 0.56 -9.73
C VAL A 92 -14.20 0.42 -11.16
N ASN A 93 -14.54 1.38 -12.01
CA ASN A 93 -14.20 1.40 -13.46
C ASN A 93 -13.05 2.37 -13.61
N TRP A 94 -11.86 1.87 -13.96
CA TRP A 94 -10.63 2.70 -14.01
C TRP A 94 -10.21 2.87 -15.47
N LYS A 95 -9.35 3.85 -15.73
CA LYS A 95 -8.72 4.02 -17.05
C LYS A 95 -7.25 4.37 -16.86
N ARG A 96 -6.44 3.91 -17.81
CA ARG A 96 -5.01 4.29 -17.98
C ARG A 96 -4.93 5.74 -18.40
N GLU A 97 -4.10 6.52 -17.72
CA GLU A 97 -3.81 7.92 -18.09
C GLU A 97 -2.42 7.94 -18.69
N PRO A 98 -2.05 9.02 -19.40
CA PRO A 98 -0.65 9.25 -19.77
C PRO A 98 0.28 9.15 -18.56
N ILE A 99 1.47 8.61 -18.76
CA ILE A 99 2.52 8.68 -17.70
C ILE A 99 2.65 10.15 -17.34
N MET A 100 2.79 10.45 -16.03
CA MET A 100 2.71 11.84 -15.47
C MET A 100 4.11 12.48 -15.43
N PHE A 101 5.11 11.77 -14.88
CA PHE A 101 6.45 12.34 -14.62
C PHE A 101 7.53 11.35 -15.06
N ALA A 102 8.51 11.90 -15.80
CA ALA A 102 9.81 11.27 -16.16
C ALA A 102 10.89 12.25 -15.70
N PRO A 103 12.09 11.76 -15.30
CA PRO A 103 13.17 12.64 -14.88
C PRO A 103 13.49 13.65 -15.99
N SER A 104 13.45 14.94 -15.69
CA SER A 104 13.78 16.01 -16.66
C SER A 104 14.45 17.23 -16.02
N LEU A 105 14.65 17.27 -14.71
CA LEU A 105 15.37 18.36 -14.01
C LEU A 105 16.64 17.81 -13.39
N GLU A 106 17.64 18.66 -13.18
CA GLU A 106 18.95 18.29 -12.57
C GLU A 106 18.67 17.49 -11.29
N GLU A 107 17.78 18.02 -10.44
CA GLU A 107 17.64 17.58 -9.02
C GLU A 107 16.90 16.23 -8.94
N GLU A 108 16.38 15.72 -10.06
CA GLU A 108 15.62 14.44 -10.15
C GLU A 108 16.22 13.55 -11.24
N LYS A 109 17.43 13.82 -11.73
CA LYS A 109 17.93 13.20 -12.98
C LYS A 109 18.03 11.68 -12.84
N ASP A 110 18.19 11.11 -11.64
CA ASP A 110 18.27 9.63 -11.46
C ASP A 110 16.96 9.05 -10.91
N GLY A 111 15.86 9.81 -10.88
CA GLY A 111 14.57 9.27 -10.43
C GLY A 111 13.62 10.35 -9.99
N VAL A 112 12.34 10.22 -10.36
CA VAL A 112 11.23 11.01 -9.78
C VAL A 112 10.57 10.15 -8.69
N PHE A 113 10.92 10.42 -7.44
CA PHE A 113 10.64 9.52 -6.30
C PHE A 113 9.24 9.87 -5.77
N SER A 114 8.88 9.25 -4.65
CA SER A 114 7.49 9.28 -4.18
C SER A 114 7.08 10.69 -3.76
N GLY A 115 5.78 10.89 -3.72
CA GLY A 115 5.18 12.14 -3.25
C GLY A 115 3.68 12.06 -3.19
N SER A 116 3.07 13.21 -2.99
CA SER A 116 1.66 13.36 -2.61
CA SER A 116 1.67 13.39 -2.56
C SER A 116 1.03 14.53 -3.36
N ALA A 117 -0.29 14.64 -3.26
CA ALA A 117 -1.06 15.73 -3.88
C ALA A 117 -2.04 16.25 -2.83
N VAL A 118 -2.26 17.56 -2.85
CA VAL A 118 -3.16 18.20 -1.87
C VAL A 118 -3.80 19.41 -2.55
N ILE A 119 -5.04 19.67 -2.17
CA ILE A 119 -5.82 20.81 -2.72
C ILE A 119 -5.46 22.06 -1.90
N GLY A 120 -4.96 23.09 -2.58
CA GLY A 120 -4.58 24.38 -1.97
C GLY A 120 -5.78 25.22 -1.57
N ASP A 121 -5.51 26.39 -0.99
CA ASP A 121 -6.50 27.42 -0.58
C ASP A 121 -7.29 27.91 -1.80
N ASP A 122 -6.73 27.81 -3.01
CA ASP A 122 -7.39 28.35 -4.23
C ASP A 122 -8.19 27.23 -4.91
N GLY A 123 -8.32 26.07 -4.27
CA GLY A 123 -9.04 24.93 -4.86
C GLY A 123 -8.20 24.20 -5.91
N LYS A 124 -6.95 24.60 -6.17
CA LYS A 124 -6.08 23.92 -7.17
C LYS A 124 -5.15 22.90 -6.47
N LEU A 125 -4.91 21.79 -7.15
CA LEU A 125 -4.01 20.71 -6.68
C LEU A 125 -2.56 21.20 -6.79
N LYS A 126 -1.70 20.79 -5.85
CA LYS A 126 -0.23 20.85 -5.93
C LYS A 126 0.30 19.44 -5.68
N PHE A 127 1.32 19.05 -6.44
CA PHE A 127 2.13 17.83 -6.26
C PHE A 127 3.42 18.20 -5.55
N TYR A 128 3.80 17.42 -4.54
CA TYR A 128 5.12 17.46 -3.88
C TYR A 128 5.75 16.08 -4.04
N TYR A 129 7.00 16.04 -4.51
CA TYR A 129 7.68 14.76 -4.77
C TYR A 129 9.17 14.93 -4.55
N THR A 130 9.87 13.82 -4.37
CA THR A 130 11.34 13.82 -4.22
C THR A 130 12.02 13.69 -5.60
N GLY A 131 13.00 14.57 -5.85
CA GLY A 131 14.02 14.42 -6.89
C GLY A 131 15.20 13.62 -6.38
N HIS A 132 15.54 12.52 -7.06
CA HIS A 132 16.66 11.63 -6.67
C HIS A 132 17.86 11.86 -7.60
N ARG A 133 19.03 11.98 -6.99
CA ARG A 133 20.35 11.93 -7.66
C ARG A 133 21.18 10.86 -6.94
N TRP A 134 22.04 10.14 -7.66
CA TRP A 134 23.13 9.39 -7.02
C TRP A 134 24.15 10.40 -6.49
N ALA A 135 24.47 10.32 -5.19
CA ALA A 135 25.42 11.22 -4.51
C ALA A 135 26.78 11.19 -5.21
N ASN A 136 27.27 10.01 -5.62
CA ASN A 136 28.59 9.85 -6.33
C ASN A 136 28.46 10.26 -7.81
N GLY A 137 27.25 10.61 -8.27
CA GLY A 137 27.00 11.07 -9.65
C GLY A 137 27.01 9.93 -10.65
N LYS A 138 27.06 8.68 -10.19
CA LYS A 138 27.28 7.49 -11.06
C LYS A 138 26.20 6.45 -10.80
N ASP A 139 26.08 5.99 -9.56
CA ASP A 139 25.30 4.77 -9.19
C ASP A 139 25.06 4.78 -7.68
N ASN A 140 24.52 3.68 -7.13
CA ASN A 140 24.03 3.63 -5.74
C ASN A 140 25.18 3.45 -4.74
N THR A 141 26.39 3.10 -5.19
CA THR A 141 27.53 2.77 -4.28
C THR A 141 27.78 3.93 -3.31
N GLY A 142 27.55 5.19 -3.74
CA GLY A 142 27.84 6.39 -2.93
C GLY A 142 26.63 6.92 -2.16
N GLY A 143 25.51 6.20 -2.12
CA GLY A 143 24.29 6.66 -1.42
C GLY A 143 23.47 7.64 -2.24
N ASP A 144 22.42 8.21 -1.63
CA ASP A 144 21.37 8.99 -2.34
C ASP A 144 21.59 10.48 -2.11
N TRP A 145 21.13 11.28 -3.05
CA TRP A 145 21.10 12.76 -2.95
C TRP A 145 19.70 13.24 -3.37
N GLN A 146 18.93 13.72 -2.39
CA GLN A 146 17.47 13.84 -2.50
C GLN A 146 17.03 15.23 -2.01
N VAL A 147 16.08 15.82 -2.72
CA VAL A 147 15.47 17.15 -2.41
C VAL A 147 13.97 17.07 -2.70
N GLN A 148 13.19 18.06 -2.25
CA GLN A 148 11.71 18.11 -2.45
C GLN A 148 11.37 19.11 -3.56
N MET A 149 10.45 18.67 -4.44
CA MET A 149 10.10 19.30 -5.72
C MET A 149 8.60 19.63 -5.70
N LEU A 150 8.20 20.67 -6.42
CA LEU A 150 6.77 21.07 -6.59
C LEU A 150 6.40 20.97 -8.06
N ALA A 151 5.15 20.59 -8.32
CA ALA A 151 4.56 20.63 -9.67
C ALA A 151 3.09 20.97 -9.52
N GLU A 152 2.53 21.58 -10.56
CA GLU A 152 1.14 22.04 -10.59
C GLU A 152 0.50 21.46 -11.83
N PRO A 153 -0.74 20.97 -11.68
CA PRO A 153 -1.44 20.34 -12.80
C PRO A 153 -1.72 21.34 -13.92
N ASP A 154 -1.64 20.89 -15.16
CA ASP A 154 -1.97 21.72 -16.36
C ASP A 154 -3.49 21.82 -16.56
N ASN A 155 -4.28 20.91 -15.99
CA ASN A 155 -5.74 20.80 -16.29
C ASN A 155 -6.41 20.01 -15.16
N ASP A 156 -7.73 20.14 -15.07
CA ASP A 156 -8.54 19.48 -14.01
C ASP A 156 -8.44 17.96 -14.11
N GLU A 157 -8.21 17.40 -15.30
CA GLU A 157 -8.12 15.92 -15.48
C GLU A 157 -6.77 15.39 -14.94
N LEU A 158 -5.80 16.25 -14.62
CA LEU A 158 -4.44 15.84 -14.17
C LEU A 158 -3.78 14.96 -15.26
N THR A 159 -3.96 15.30 -16.53
CA THR A 159 -3.34 14.48 -17.60
C THR A 159 -1.84 14.80 -17.61
N SER A 160 -1.49 16.03 -17.25
CA SER A 160 -0.09 16.52 -17.19
C SER A 160 0.06 17.60 -16.13
N ALA A 161 1.31 17.88 -15.74
CA ALA A 161 1.66 18.89 -14.72
C ALA A 161 2.88 19.64 -15.23
N THR A 162 3.01 20.90 -14.83
CA THR A 162 4.22 21.70 -15.06
C THR A 162 5.06 21.61 -13.80
N LYS A 163 6.32 21.20 -13.95
CA LYS A 163 7.27 21.17 -12.82
C LYS A 163 7.65 22.61 -12.47
N ARG A 164 7.67 22.98 -11.19
CA ARG A 164 8.14 24.32 -10.78
C ARG A 164 9.59 24.21 -10.29
N GLY A 165 10.04 23.01 -9.96
CA GLY A 165 11.42 22.72 -9.48
C GLY A 165 11.50 22.55 -7.97
N MET A 166 12.71 22.68 -7.43
CA MET A 166 13.05 22.31 -6.03
C MET A 166 12.60 23.43 -5.10
N VAL A 167 11.89 23.06 -4.01
CA VAL A 167 11.34 24.01 -3.00
C VAL A 167 12.01 23.81 -1.65
N ILE A 168 12.59 22.64 -1.40
CA ILE A 168 13.39 22.34 -0.18
C ILE A 168 14.65 21.58 -0.59
N ASP A 169 15.81 22.17 -0.33
CA ASP A 169 17.13 21.55 -0.64
C ASP A 169 17.54 20.65 0.51
N CYS A 170 18.65 19.94 0.35
CA CYS A 170 19.20 19.01 1.36
C CYS A 170 20.48 19.58 1.96
N PRO A 171 20.54 19.81 3.29
CA PRO A 171 21.78 20.11 3.99
C PRO A 171 22.56 18.80 4.14
N THR A 172 23.22 18.41 3.05
CA THR A 172 23.96 17.14 2.83
C THR A 172 24.76 16.72 4.06
N ASP A 173 25.48 17.65 4.69
CA ASP A 173 26.44 17.26 5.78
C ASP A 173 25.70 17.18 7.13
N LYS A 174 24.37 17.37 7.18
CA LYS A 174 23.60 17.27 8.45
C LYS A 174 22.71 16.01 8.42
N VAL A 175 22.81 15.15 7.40
CA VAL A 175 21.94 13.95 7.27
C VAL A 175 22.71 12.79 6.63
N ASN A 176 22.17 11.58 6.78
CA ASN A 176 22.72 10.32 6.21
C ASN A 176 21.98 10.02 4.89
N HIS A 177 22.08 10.91 3.89
CA HIS A 177 21.63 10.67 2.48
C HIS A 177 20.10 10.68 2.34
N HIS A 178 19.40 9.82 3.07
CA HIS A 178 17.95 9.57 2.90
C HIS A 178 17.18 10.84 3.31
N TYR A 179 16.40 11.38 2.39
CA TYR A 179 15.74 12.71 2.54
C TYR A 179 14.56 12.79 1.55
N ARG A 180 13.45 12.09 1.84
CA ARG A 180 12.47 11.85 0.75
C ARG A 180 11.05 11.58 1.26
N ASP A 181 10.10 11.75 0.34
CA ASP A 181 8.70 11.24 0.41
C ASP A 181 7.81 12.27 1.12
N PRO A 182 7.60 13.47 0.54
CA PRO A 182 6.86 14.51 1.24
C PRO A 182 5.35 14.33 1.26
N LYS A 183 4.73 14.76 2.35
CA LYS A 183 3.28 15.00 2.48
C LYS A 183 3.06 16.43 2.96
N VAL A 184 2.11 17.12 2.35
CA VAL A 184 1.76 18.54 2.70
C VAL A 184 0.30 18.57 3.16
N TRP A 185 0.00 19.27 4.25
CA TRP A 185 -1.39 19.42 4.77
C TRP A 185 -1.52 20.76 5.47
N LYS A 186 -2.76 21.23 5.64
CA LYS A 186 -3.03 22.46 6.41
C LYS A 186 -3.57 22.10 7.80
N THR A 187 -3.05 22.75 8.83
CA THR A 187 -3.62 22.73 10.19
C THR A 187 -3.75 24.21 10.64
N GLY A 188 -4.95 24.63 11.02
CA GLY A 188 -5.23 26.05 11.33
C GLY A 188 -4.90 26.93 10.14
N ASP A 189 -4.09 27.98 10.33
CA ASP A 189 -3.72 28.95 9.25
C ASP A 189 -2.31 28.67 8.70
N LYS A 190 -1.77 27.48 8.91
CA LYS A 190 -0.40 27.15 8.42
C LYS A 190 -0.45 25.91 7.53
N TRP A 191 0.34 25.94 6.48
CA TRP A 191 0.68 24.74 5.69
C TRP A 191 1.91 24.06 6.29
N TYR A 192 1.93 22.72 6.29
CA TYR A 192 3.01 21.90 6.86
C TYR A 192 3.45 20.90 5.79
N MET A 193 4.71 20.51 5.86
CA MET A 193 5.28 19.43 5.02
C MET A 193 6.06 18.53 5.94
N THR A 194 5.87 17.21 5.83
CA THR A 194 6.73 16.20 6.47
C THR A 194 7.32 15.32 5.38
N PHE A 195 8.54 14.83 5.60
CA PHE A 195 9.19 13.78 4.80
C PHE A 195 10.17 13.05 5.72
N GLY A 196 10.66 11.91 5.23
CA GLY A 196 11.52 10.99 5.99
C GLY A 196 12.98 11.34 5.83
N VAL A 197 13.75 11.21 6.91
CA VAL A 197 15.19 11.56 6.91
C VAL A 197 15.94 10.49 7.71
N SER A 198 17.12 10.08 7.24
CA SER A 198 18.14 9.37 8.06
C SER A 198 19.02 10.46 8.68
N SER A 199 18.95 10.66 9.98
CA SER A 199 19.76 11.70 10.68
C SER A 199 21.27 11.44 10.50
N ALA A 200 22.10 12.42 10.85
CA ALA A 200 23.57 12.28 10.83
C ALA A 200 23.99 11.07 11.70
N GLU A 201 23.20 10.72 12.72
CA GLU A 201 23.44 9.51 13.54
C GLU A 201 22.71 8.28 12.96
N LYS A 202 22.22 8.34 11.72
CA LYS A 202 21.59 7.18 11.02
C LYS A 202 20.33 6.72 11.77
N ARG A 203 19.58 7.67 12.32
CA ARG A 203 18.25 7.41 12.94
C ARG A 203 17.15 7.85 11.98
N GLY A 204 16.10 7.04 11.84
CA GLY A 204 14.89 7.38 11.09
C GLY A 204 14.12 8.50 11.74
N GLN A 205 13.87 9.57 10.99
CA GLN A 205 13.17 10.78 11.46
C GLN A 205 12.12 11.22 10.44
N MET A 206 11.13 11.96 10.92
CA MET A 206 10.23 12.76 10.07
C MET A 206 10.47 14.23 10.40
N TRP A 207 10.88 15.03 9.42
CA TRP A 207 11.10 16.48 9.61
C TRP A 207 9.80 17.23 9.37
N LEU A 208 9.67 18.43 9.92
CA LEU A 208 8.46 19.26 9.73
C LEU A 208 8.88 20.64 9.20
N PHE A 209 8.21 21.10 8.16
CA PHE A 209 8.34 22.48 7.63
C PHE A 209 6.96 23.14 7.60
N SER A 210 6.95 24.48 7.61
CA SER A 210 5.70 25.27 7.54
C SER A 210 5.78 26.29 6.38
N SER A 211 4.61 26.78 5.95
CA SER A 211 4.49 27.70 4.80
C SER A 211 3.17 28.45 4.97
N ASP A 212 3.14 29.72 4.54
CA ASP A 212 1.90 30.52 4.42
C ASP A 212 1.32 30.35 3.02
N ASP A 213 2.16 30.02 2.03
CA ASP A 213 1.75 30.07 0.61
C ASP A 213 1.96 28.72 -0.11
N MET A 214 2.42 27.67 0.59
CA MET A 214 2.62 26.31 0.03
C MET A 214 3.83 26.26 -0.90
N VAL A 215 4.54 27.38 -1.10
CA VAL A 215 5.65 27.46 -2.10
C VAL A 215 7.00 27.67 -1.39
N LYS A 216 7.07 28.66 -0.50
CA LYS A 216 8.26 29.01 0.33
C LYS A 216 8.10 28.33 1.68
N TRP A 217 9.09 27.52 2.08
CA TRP A 217 9.06 26.65 3.28
C TRP A 217 10.08 27.11 4.31
N THR A 218 9.75 26.87 5.58
CA THR A 218 10.57 27.16 6.78
C THR A 218 10.71 25.87 7.59
N TYR A 219 11.95 25.47 7.89
CA TYR A 219 12.23 24.36 8.83
C TYR A 219 11.60 24.69 10.19
N GLU A 220 10.88 23.74 10.76
CA GLU A 220 10.29 23.90 12.11
C GLU A 220 11.07 23.04 13.10
N GLN A 221 11.04 21.72 12.90
CA GLN A 221 11.61 20.76 13.87
C GLN A 221 11.51 19.33 13.35
N VAL A 222 12.04 18.37 14.12
CA VAL A 222 11.84 16.91 13.92
C VAL A 222 10.50 16.56 14.56
N LEU A 223 9.52 16.15 13.75
CA LEU A 223 8.15 15.81 14.23
C LEU A 223 8.21 14.52 15.06
N PHE A 224 9.08 13.59 14.66
CA PHE A 224 9.18 12.26 15.28
C PHE A 224 10.52 11.62 14.89
N GLU A 225 11.11 10.90 15.85
CA GLU A 225 12.26 10.01 15.58
C GLU A 225 11.91 8.59 16.03
N HIS A 226 12.21 7.59 15.22
CA HIS A 226 11.93 6.17 15.59
C HIS A 226 12.83 5.77 16.76
N PRO A 227 12.27 5.29 17.89
CA PRO A 227 13.07 4.88 19.06
C PRO A 227 13.99 3.66 18.89
N ASP A 228 13.82 2.87 17.83
CA ASP A 228 14.64 1.66 17.57
C ASP A 228 15.85 2.12 16.76
N SER A 229 17.05 1.98 17.35
CA SER A 229 18.34 2.41 16.76
C SER A 229 18.62 1.60 15.49
N ASN A 230 17.96 0.47 15.29
CA ASN A 230 18.11 -0.37 14.07
C ASN A 230 17.34 0.28 12.93
N VAL A 231 16.33 1.08 13.23
CA VAL A 231 15.54 1.80 12.19
C VAL A 231 16.32 3.04 11.76
N PHE A 232 16.81 3.09 10.52
CA PHE A 232 17.70 4.19 10.07
C PHE A 232 16.94 5.16 9.16
N MET A 233 15.71 4.82 8.76
CA MET A 233 14.95 5.65 7.79
C MET A 233 13.44 5.33 7.87
N LEU A 234 12.65 6.38 7.73
CA LEU A 234 11.18 6.33 7.68
C LEU A 234 10.74 6.75 6.28
N GLU A 235 10.54 5.78 5.38
CA GLU A 235 10.04 6.01 4.01
C GLU A 235 8.54 6.30 4.07
N CYS A 236 8.05 7.06 3.09
CA CYS A 236 6.61 7.31 2.85
C CYS A 236 5.88 7.65 4.13
N PRO A 237 6.33 8.69 4.88
CA PRO A 237 5.63 9.06 6.09
C PRO A 237 4.20 9.52 5.78
N ASP A 238 3.34 9.32 6.77
CA ASP A 238 1.93 9.79 6.74
C ASP A 238 1.60 10.43 8.09
N PHE A 239 0.62 11.32 8.11
CA PHE A 239 0.25 12.11 9.32
C PHE A 239 -1.10 12.74 9.07
N PHE A 240 -2.09 12.38 9.86
CA PHE A 240 -3.48 12.88 9.68
C PHE A 240 -4.26 12.73 10.96
N PRO A 241 -5.25 13.62 11.13
CA PRO A 241 -6.14 13.64 12.28
C PRO A 241 -7.33 12.71 12.06
N ILE A 242 -7.84 12.16 13.15
CA ILE A 242 -9.03 11.27 13.12
C ILE A 242 -9.70 11.37 14.49
N LYS A 243 -11.03 11.28 14.51
CA LYS A 243 -11.86 11.35 15.74
C LYS A 243 -11.85 9.97 16.41
N ASP A 244 -11.56 9.92 17.71
CA ASP A 244 -11.67 8.69 18.54
C ASP A 244 -13.12 8.47 18.96
N VAL A 245 -13.39 7.45 19.78
CA VAL A 245 -14.76 7.05 20.22
C VAL A 245 -15.38 8.21 21.03
N GLU A 246 -14.62 8.76 22.00
CA GLU A 246 -14.97 9.96 22.81
C GLU A 246 -15.26 11.18 21.92
N GLY A 247 -14.89 11.12 20.64
CA GLY A 247 -15.00 12.25 19.69
C GLY A 247 -13.85 13.22 19.84
N ASN A 248 -12.81 12.87 20.60
CA ASN A 248 -11.57 13.68 20.71
C ASN A 248 -10.77 13.51 19.41
N GLU A 249 -10.04 14.54 19.00
CA GLU A 249 -9.18 14.47 17.80
C GLU A 249 -7.85 13.83 18.19
N LYS A 250 -7.52 12.72 17.51
CA LYS A 250 -6.19 12.07 17.60
C LYS A 250 -5.42 12.33 16.30
N TRP A 251 -4.12 12.10 16.34
CA TRP A 251 -3.27 12.06 15.14
C TRP A 251 -2.72 10.63 14.96
N VAL A 252 -2.73 10.20 13.72
CA VAL A 252 -2.08 8.94 13.27
C VAL A 252 -0.79 9.39 12.61
N ILE A 253 0.32 8.88 13.09
CA ILE A 253 1.60 8.89 12.35
C ILE A 253 1.76 7.51 11.68
N GLY A 254 2.19 7.52 10.43
CA GLY A 254 2.54 6.29 9.71
C GLY A 254 3.85 6.42 9.00
N PHE A 255 4.49 5.28 8.74
CA PHE A 255 5.76 5.25 7.99
C PHE A 255 6.06 3.82 7.59
N SER A 256 6.94 3.73 6.61
CA SER A 256 7.55 2.49 6.11
C SER A 256 8.96 2.42 6.69
N ALA A 257 9.12 1.65 7.75
CA ALA A 257 10.32 1.64 8.61
C ALA A 257 11.38 0.70 8.02
N MET A 258 12.61 1.22 7.87
CA MET A 258 13.76 0.42 7.37
C MET A 258 14.66 0.06 8.55
N GLY A 259 14.89 -1.25 8.77
CA GLY A 259 16.01 -1.78 9.58
C GLY A 259 15.57 -2.49 10.85
N ALA A 260 14.30 -2.41 11.25
CA ALA A 260 13.82 -3.14 12.45
C ALA A 260 14.10 -4.63 12.26
N LYS A 261 14.53 -5.29 13.34
CA LYS A 261 14.81 -6.75 13.32
C LYS A 261 13.54 -7.52 13.65
N PRO A 262 13.41 -8.74 13.07
CA PRO A 262 12.24 -9.57 13.31
C PRO A 262 12.20 -10.07 14.75
N SER A 263 11.01 -10.26 15.30
CA SER A 263 10.80 -10.80 16.67
C SER A 263 9.50 -11.59 16.69
N GLY A 264 9.61 -12.90 16.84
CA GLY A 264 8.41 -13.75 16.86
C GLY A 264 7.68 -13.60 15.54
N PHE A 265 6.43 -13.16 15.60
CA PHE A 265 5.55 -12.94 14.42
C PHE A 265 5.75 -11.54 13.82
N MET A 266 6.47 -10.66 14.50
CA MET A 266 6.47 -9.19 14.25
C MET A 266 7.66 -8.74 13.40
N ASN A 267 7.44 -7.76 12.51
CA ASN A 267 8.50 -7.15 11.66
C ASN A 267 9.20 -8.23 10.82
N ARG A 268 8.46 -9.19 10.26
CA ARG A 268 9.07 -10.33 9.54
C ARG A 268 9.42 -9.94 8.10
N ASN A 269 8.82 -8.89 7.55
CA ASN A 269 9.12 -8.49 6.15
C ASN A 269 10.43 -7.70 6.15
N VAL A 270 11.07 -7.55 4.99
CA VAL A 270 12.44 -7.00 4.91
C VAL A 270 12.43 -5.60 5.54
N ASN A 271 11.44 -4.79 5.16
CA ASN A 271 11.06 -3.51 5.83
C ASN A 271 9.55 -3.59 6.11
N ASN A 272 9.05 -2.77 7.03
CA ASN A 272 7.68 -2.93 7.57
C ASN A 272 7.03 -1.56 7.74
N ALA A 273 5.78 -1.42 7.28
CA ALA A 273 4.96 -0.19 7.38
C ALA A 273 3.97 -0.33 8.52
N GLY A 274 3.75 0.76 9.22
CA GLY A 274 2.85 0.79 10.37
C GLY A 274 2.59 2.18 10.88
N TYR A 275 1.93 2.27 12.02
CA TYR A 275 1.36 3.54 12.49
C TYR A 275 1.43 3.53 14.00
N MET A 276 1.32 4.70 14.57
CA MET A 276 0.98 4.87 16.00
C MET A 276 -0.14 5.89 16.05
N ILE A 277 -0.97 5.77 17.07
CA ILE A 277 -2.06 6.75 17.36
C ILE A 277 -1.58 7.58 18.54
N GLY A 278 -1.75 8.89 18.47
CA GLY A 278 -1.44 9.75 19.63
C GLY A 278 -2.03 11.14 19.47
N THR A 279 -1.30 12.15 19.93
CA THR A 279 -1.76 13.55 19.96
C THR A 279 -0.70 14.42 19.28
N TRP A 280 -1.11 15.57 18.76
CA TRP A 280 -0.18 16.56 18.19
C TRP A 280 -0.77 17.96 18.40
N THR A 281 0.05 18.84 18.94
CA THR A 281 -0.19 20.32 18.94
C THR A 281 0.88 20.98 18.08
N PRO A 282 0.53 21.82 17.09
CA PRO A 282 1.55 22.55 16.34
C PRO A 282 2.53 23.26 17.30
N GLY A 283 3.82 23.15 17.02
CA GLY A 283 4.90 23.62 17.90
C GLY A 283 5.54 22.48 18.66
N GLU A 284 4.85 21.33 18.77
CA GLU A 284 5.35 20.17 19.55
C GLU A 284 5.61 19.01 18.59
N GLN A 285 6.34 18.02 19.08
CA GLN A 285 6.47 16.71 18.39
C GLN A 285 5.18 15.92 18.58
N PHE A 286 4.99 14.94 17.71
CA PHE A 286 3.95 13.89 17.85
C PHE A 286 4.15 13.20 19.20
N LYS A 287 3.09 12.96 19.96
CA LYS A 287 3.10 12.21 21.25
C LYS A 287 2.42 10.87 21.02
N PRO A 288 3.15 9.76 20.86
CA PRO A 288 2.50 8.47 20.64
C PRO A 288 1.73 8.02 21.88
N GLU A 289 0.59 7.36 21.70
CA GLU A 289 -0.15 6.73 22.81
C GLU A 289 -0.27 5.22 22.58
N THR A 290 0.30 4.70 21.49
CA THR A 290 0.29 3.25 21.19
C THR A 290 1.71 2.83 20.82
N GLU A 291 1.95 1.53 20.89
CA GLU A 291 3.11 0.89 20.23
C GLU A 291 2.93 0.97 18.71
N PHE A 292 4.00 0.85 17.94
CA PHE A 292 3.99 0.64 16.48
C PHE A 292 3.13 -0.58 16.14
N ARG A 293 2.24 -0.43 15.16
CA ARG A 293 1.31 -1.49 14.71
C ARG A 293 1.37 -1.54 13.19
N LEU A 294 1.45 -2.74 12.62
CA LEU A 294 1.47 -2.90 11.15
C LEU A 294 0.16 -2.43 10.57
N TRP A 295 0.18 -1.70 9.46
CA TRP A 295 -1.03 -1.52 8.64
C TRP A 295 -1.56 -2.89 8.23
N ASP A 296 -0.70 -3.75 7.73
CA ASP A 296 -1.08 -5.01 7.06
C ASP A 296 -0.14 -6.10 7.53
N CYS A 297 -0.67 -7.27 7.87
CA CYS A 297 0.10 -8.38 8.50
C CYS A 297 0.54 -9.40 7.43
N GLY A 298 0.38 -9.08 6.14
CA GLY A 298 0.61 -10.01 5.04
C GLY A 298 2.06 -10.05 4.57
N HIS A 299 2.32 -10.87 3.54
CA HIS A 299 3.67 -11.07 2.95
C HIS A 299 4.12 -9.82 2.18
N ASN A 300 3.21 -9.14 1.51
CA ASN A 300 3.52 -8.17 0.42
C ASN A 300 2.75 -6.87 0.64
N TYR A 301 3.31 -5.97 1.43
CA TYR A 301 2.64 -4.70 1.74
C TYR A 301 3.68 -3.69 2.23
N TYR A 302 3.73 -2.53 1.57
CA TYR A 302 4.72 -1.48 1.92
C TYR A 302 4.32 -0.17 1.28
N ALA A 303 4.96 0.89 1.76
CA ALA A 303 4.84 2.27 1.25
C ALA A 303 3.38 2.70 1.17
N PRO A 304 2.51 2.46 2.18
CA PRO A 304 1.16 2.98 2.09
C PRO A 304 1.15 4.52 2.10
N GLN A 305 0.17 5.05 1.39
CA GLN A 305 -0.18 6.49 1.39
C GLN A 305 -1.68 6.59 1.62
N SER A 306 -2.09 7.57 2.42
CA SER A 306 -3.52 7.88 2.63
C SER A 306 -3.78 9.27 2.08
N PHE A 307 -5.07 9.54 1.89
CA PHE A 307 -5.61 10.83 1.41
C PHE A 307 -7.02 10.93 1.96
N ASN A 308 -7.51 12.17 1.96
CA ASN A 308 -8.87 12.50 2.44
C ASN A 308 -9.74 12.90 1.25
N ASP A 309 -10.94 12.33 1.14
CA ASP A 309 -11.89 12.68 0.04
C ASP A 309 -12.88 13.75 0.51
N GLY A 310 -12.62 14.43 1.62
CA GLY A 310 -13.56 15.41 2.24
C GLY A 310 -14.28 14.81 3.44
N LYS A 311 -14.40 13.47 3.52
CA LYS A 311 -15.14 12.80 4.62
C LYS A 311 -14.34 11.60 5.13
N ARG A 312 -13.69 10.85 4.25
CA ARG A 312 -13.02 9.56 4.62
C ARG A 312 -11.52 9.69 4.42
N GLN A 313 -10.74 9.15 5.34
CA GLN A 313 -9.29 8.93 5.12
C GLN A 313 -9.14 7.55 4.49
N ILE A 314 -8.53 7.49 3.30
CA ILE A 314 -8.48 6.25 2.46
C ILE A 314 -7.02 5.89 2.23
N VAL A 315 -6.67 4.61 2.35
CA VAL A 315 -5.25 4.19 2.25
C VAL A 315 -5.11 3.07 1.21
N TYR A 316 -4.11 3.23 0.34
CA TYR A 316 -3.59 2.17 -0.55
C TYR A 316 -2.20 1.74 -0.07
N GLY A 317 -1.87 0.46 -0.17
CA GLY A 317 -0.48 -0.02 -0.06
C GLY A 317 0.04 -0.52 -1.39
N TRP A 318 1.36 -0.56 -1.53
CA TRP A 318 2.06 -1.28 -2.62
C TRP A 318 2.25 -2.71 -2.13
N MET A 319 1.85 -3.70 -2.91
CA MET A 319 2.14 -5.11 -2.53
C MET A 319 3.60 -5.40 -2.91
N SER A 320 4.49 -5.22 -1.94
CA SER A 320 5.97 -5.21 -2.17
C SER A 320 6.50 -6.63 -2.22
N PRO A 321 7.18 -7.04 -3.31
CA PRO A 321 7.89 -8.31 -3.36
C PRO A 321 9.39 -8.05 -3.09
N PHE A 322 9.81 -8.19 -1.83
CA PHE A 322 11.18 -7.96 -1.37
C PHE A 322 12.01 -9.25 -1.39
N VAL A 323 11.38 -10.41 -1.62
CA VAL A 323 12.04 -11.73 -1.40
C VAL A 323 12.04 -12.55 -2.69
N GLU A 324 13.24 -12.97 -3.12
CA GLU A 324 13.42 -13.85 -4.29
C GLU A 324 12.94 -15.25 -3.92
N PRO A 325 12.46 -16.06 -4.89
CA PRO A 325 12.26 -15.63 -6.27
C PRO A 325 10.94 -14.86 -6.40
N ILE A 326 10.87 -13.95 -7.37
CA ILE A 326 9.64 -13.17 -7.71
C ILE A 326 9.24 -13.55 -9.12
N PRO A 327 8.47 -14.64 -9.30
CA PRO A 327 8.27 -15.24 -10.62
C PRO A 327 7.50 -14.35 -11.61
N MET A 328 6.67 -13.42 -11.13
CA MET A 328 5.95 -12.48 -12.01
C MET A 328 6.94 -11.60 -12.77
N GLN A 329 8.17 -11.45 -12.32
CA GLN A 329 9.18 -10.62 -13.02
C GLN A 329 9.55 -11.24 -14.38
N ASP A 330 9.19 -12.50 -14.62
CA ASP A 330 9.35 -13.19 -15.94
C ASP A 330 8.21 -12.83 -16.90
N ASP A 331 7.21 -12.06 -16.46
CA ASP A 331 5.90 -12.00 -17.15
C ASP A 331 5.63 -10.58 -17.70
N GLY A 332 6.62 -9.68 -17.67
CA GLY A 332 6.55 -8.35 -18.28
C GLY A 332 5.85 -7.33 -17.39
N TRP A 333 5.63 -7.64 -16.12
CA TRP A 333 5.06 -6.69 -15.13
C TRP A 333 5.57 -7.13 -13.77
N CYS A 334 5.58 -6.23 -12.80
CA CYS A 334 5.83 -6.58 -11.38
C CYS A 334 5.14 -5.56 -10.49
N GLY A 335 4.35 -6.06 -9.54
CA GLY A 335 3.80 -5.23 -8.48
C GLY A 335 2.38 -4.82 -8.81
N ASN A 336 1.52 -4.82 -7.80
CA ASN A 336 0.21 -4.13 -7.88
C ASN A 336 -0.05 -3.43 -6.55
N LEU A 337 -1.05 -2.54 -6.55
CA LEU A 337 -1.57 -1.94 -5.31
C LEU A 337 -2.62 -2.86 -4.67
N THR A 338 -2.90 -2.59 -3.42
CA THR A 338 -4.07 -3.19 -2.72
C THR A 338 -5.33 -2.48 -3.18
N LEU A 339 -6.46 -2.97 -2.71
CA LEU A 339 -7.72 -2.22 -2.71
C LEU A 339 -7.58 -1.01 -1.80
N PRO A 340 -8.37 0.04 -2.06
CA PRO A 340 -8.47 1.20 -1.16
C PRO A 340 -9.27 0.84 0.09
N ARG A 341 -8.74 1.25 1.24
CA ARG A 341 -9.30 0.93 2.56
C ARG A 341 -9.71 2.20 3.28
N GLU A 342 -10.87 2.18 3.93
CA GLU A 342 -11.37 3.33 4.72
C GLU A 342 -10.78 3.16 6.13
N ILE A 343 -10.14 4.20 6.64
CA ILE A 343 -9.53 4.18 7.99
C ILE A 343 -10.58 4.66 9.00
N THR A 344 -10.88 3.84 10.00
CA THR A 344 -11.77 4.24 11.11
C THR A 344 -11.04 3.96 12.42
N LEU A 345 -11.40 4.68 13.48
CA LEU A 345 -10.82 4.46 14.82
C LEU A 345 -11.96 3.97 15.73
N GLY A 346 -11.87 2.73 16.21
CA GLY A 346 -12.95 2.03 16.92
C GLY A 346 -12.90 2.25 18.42
N ALA A 347 -13.93 1.79 19.13
CA ALA A 347 -13.98 1.69 20.61
C ALA A 347 -12.78 0.87 21.11
N ASP A 348 -12.23 -0.03 20.28
CA ASP A 348 -11.11 -0.93 20.68
C ASP A 348 -9.76 -0.19 20.69
N GLY A 349 -9.77 1.10 20.38
CA GLY A 349 -8.60 2.00 20.42
C GLY A 349 -7.59 1.64 19.33
N ASP A 350 -8.04 1.01 18.25
CA ASP A 350 -7.13 0.71 17.11
C ASP A 350 -7.78 1.17 15.81
N LEU A 351 -6.97 1.34 14.76
CA LEU A 351 -7.50 1.57 13.39
C LEU A 351 -8.12 0.27 12.86
N HIS A 352 -9.21 0.40 12.12
CA HIS A 352 -9.83 -0.61 11.26
C HIS A 352 -9.64 -0.10 9.84
N THR A 353 -9.43 -0.99 8.90
CA THR A 353 -9.20 -0.64 7.46
C THR A 353 -10.00 -1.61 6.59
N ALA A 354 -11.32 -1.59 6.71
CA ALA A 354 -12.23 -2.30 5.80
C ALA A 354 -12.07 -1.70 4.41
N PRO A 355 -12.43 -2.44 3.34
CA PRO A 355 -12.43 -1.87 2.00
C PRO A 355 -13.40 -0.68 1.98
N VAL A 356 -13.10 0.34 1.17
CA VAL A 356 -14.13 1.40 0.95
C VAL A 356 -15.42 0.73 0.42
N ALA A 357 -16.56 1.34 0.70
CA ALA A 357 -17.90 0.88 0.27
C ALA A 357 -17.95 0.67 -1.26
N GLU A 358 -17.23 1.47 -2.05
CA GLU A 358 -17.26 1.37 -3.54
C GLU A 358 -16.80 -0.02 -4.01
N MET A 359 -16.04 -0.77 -3.20
CA MET A 359 -15.48 -2.07 -3.65
C MET A 359 -16.60 -3.09 -3.83
N GLU A 360 -17.79 -2.86 -3.24
CA GLU A 360 -18.96 -3.74 -3.50
C GLU A 360 -19.35 -3.68 -4.99
N GLY A 361 -19.02 -2.59 -5.70
CA GLY A 361 -19.31 -2.43 -7.14
C GLY A 361 -18.48 -3.38 -7.99
N LEU A 362 -17.47 -4.04 -7.40
CA LEU A 362 -16.66 -5.07 -8.11
C LEU A 362 -17.46 -6.36 -8.29
N ARG A 363 -18.52 -6.56 -7.50
CA ARG A 363 -19.26 -7.84 -7.46
C ARG A 363 -20.19 -7.95 -8.68
N GLU A 364 -19.99 -8.98 -9.50
CA GLU A 364 -20.87 -9.30 -10.66
C GLU A 364 -22.13 -10.05 -10.17
N ASP A 365 -22.06 -10.72 -9.02
CA ASP A 365 -23.10 -11.68 -8.60
C ASP A 365 -22.91 -11.96 -7.11
N THR A 366 -23.81 -12.77 -6.55
CA THR A 366 -23.73 -13.28 -5.16
C THR A 366 -24.20 -14.74 -5.19
N VAL A 367 -23.29 -15.66 -4.88
CA VAL A 367 -23.58 -17.12 -4.76
C VAL A 367 -23.57 -17.46 -3.27
N ASP A 368 -24.74 -17.73 -2.72
CA ASP A 368 -24.88 -17.98 -1.27
C ASP A 368 -24.81 -19.49 -1.05
N PHE A 369 -23.78 -19.98 -0.37
CA PHE A 369 -23.62 -21.41 0.01
C PHE A 369 -24.26 -21.69 1.38
N GLY A 370 -24.80 -20.67 2.04
CA GLY A 370 -25.52 -20.83 3.32
C GLY A 370 -24.58 -21.28 4.44
N ALA A 371 -25.14 -21.96 5.43
CA ALA A 371 -24.37 -22.55 6.57
C ALA A 371 -23.80 -23.89 6.14
N ILE A 372 -22.55 -24.16 6.49
CA ILE A 372 -21.84 -25.41 6.11
C ILE A 372 -21.24 -26.00 7.39
N ASP A 373 -21.57 -27.27 7.66
CA ASP A 373 -21.04 -28.05 8.81
C ASP A 373 -20.11 -29.13 8.26
N LEU A 374 -18.83 -29.11 8.64
CA LEU A 374 -17.92 -30.26 8.48
C LEU A 374 -17.92 -30.98 9.83
N ASP A 375 -18.61 -32.11 9.94
CA ASP A 375 -18.81 -32.79 11.26
CA ASP A 375 -18.83 -32.82 11.23
C ASP A 375 -17.61 -33.69 11.55
N VAL A 376 -16.63 -33.73 10.63
CA VAL A 376 -15.33 -34.41 10.83
C VAL A 376 -14.27 -33.67 10.01
N SER A 377 -12.99 -33.79 10.37
CA SER A 377 -11.85 -33.24 9.59
C SER A 377 -12.05 -33.65 8.13
N GLY A 378 -11.90 -32.70 7.22
CA GLY A 378 -12.03 -32.95 5.79
C GLY A 378 -12.15 -31.65 5.01
N GLU A 379 -12.48 -31.77 3.73
CA GLU A 379 -12.58 -30.59 2.85
C GLU A 379 -13.81 -30.74 1.96
N LYS A 380 -14.35 -29.61 1.55
CA LYS A 380 -15.48 -29.55 0.58
C LYS A 380 -15.04 -28.51 -0.46
N THR A 381 -15.15 -28.86 -1.73
CA THR A 381 -14.93 -27.93 -2.84
C THR A 381 -16.13 -26.99 -2.88
N ILE A 382 -15.88 -25.68 -2.88
CA ILE A 382 -16.90 -24.61 -3.01
C ILE A 382 -17.08 -24.35 -4.51
N VAL A 383 -15.98 -24.08 -5.21
CA VAL A 383 -16.01 -23.95 -6.70
C VAL A 383 -14.76 -24.64 -7.25
N ASP A 384 -14.91 -25.20 -8.45
CA ASP A 384 -13.82 -25.92 -9.14
C ASP A 384 -12.85 -24.91 -9.74
N ASP A 385 -13.31 -23.72 -10.10
CA ASP A 385 -12.44 -22.71 -10.77
C ASP A 385 -12.84 -21.31 -10.33
N ALA A 386 -11.86 -20.55 -9.83
CA ALA A 386 -12.06 -19.16 -9.37
C ALA A 386 -10.85 -18.34 -9.79
N GLU A 387 -11.05 -17.47 -10.78
CA GLU A 387 -10.02 -16.58 -11.33
C GLU A 387 -9.91 -15.34 -10.44
N ALA A 388 -11.05 -14.77 -10.09
CA ALA A 388 -11.13 -13.43 -9.46
C ALA A 388 -12.44 -13.38 -8.69
N VAL A 389 -12.36 -13.56 -7.37
CA VAL A 389 -13.56 -13.72 -6.51
C VAL A 389 -13.35 -13.00 -5.18
N GLU A 390 -14.46 -12.75 -4.50
CA GLU A 390 -14.54 -12.27 -3.13
C GLU A 390 -15.33 -13.31 -2.34
N ILE A 391 -14.76 -13.83 -1.26
CA ILE A 391 -15.42 -14.85 -0.39
C ILE A 391 -15.68 -14.18 0.96
N GLU A 392 -16.93 -14.16 1.40
CA GLU A 392 -17.32 -13.68 2.73
C GLU A 392 -17.73 -14.89 3.55
N MET A 393 -17.10 -15.11 4.71
CA MET A 393 -17.47 -16.25 5.56
C MET A 393 -17.39 -15.89 7.03
N THR A 394 -18.32 -16.46 7.80
CA THR A 394 -18.40 -16.34 9.27
C THR A 394 -18.20 -17.74 9.85
N ILE A 395 -17.12 -17.92 10.62
CA ILE A 395 -16.80 -19.18 11.35
C ILE A 395 -17.43 -19.08 12.73
N ASP A 396 -18.16 -20.12 13.14
CA ASP A 396 -18.65 -20.27 14.52
C ASP A 396 -17.51 -20.86 15.35
N LEU A 397 -16.74 -20.01 16.02
CA LEU A 397 -15.60 -20.40 16.88
C LEU A 397 -16.12 -21.27 18.02
N ALA A 398 -17.30 -20.98 18.54
CA ALA A 398 -17.81 -21.59 19.79
C ALA A 398 -18.11 -23.07 19.56
N ASN A 399 -18.57 -23.45 18.37
CA ASN A 399 -19.07 -24.81 18.08
C ASN A 399 -18.18 -25.53 17.07
N SER A 400 -16.97 -25.05 16.81
CA SER A 400 -16.00 -25.72 15.91
C SER A 400 -14.82 -26.24 16.75
N THR A 401 -14.40 -27.48 16.59
CA THR A 401 -13.26 -28.07 17.36
C THR A 401 -11.98 -28.10 16.51
N ALA A 402 -12.09 -27.77 15.22
CA ALA A 402 -10.95 -27.83 14.30
C ALA A 402 -9.82 -26.96 14.87
N GLU A 403 -8.59 -27.46 14.82
CA GLU A 403 -7.41 -26.71 15.30
C GLU A 403 -7.01 -25.66 14.26
N ARG A 404 -7.30 -25.92 12.98
CA ARG A 404 -7.02 -24.98 11.88
C ARG A 404 -8.16 -25.11 10.88
N ALA A 405 -8.79 -24.00 10.49
CA ALA A 405 -10.03 -24.04 9.68
C ALA A 405 -10.07 -22.81 8.78
N GLY A 406 -10.46 -23.00 7.53
CA GLY A 406 -10.66 -21.87 6.62
C GLY A 406 -10.73 -22.31 5.19
N LEU A 407 -10.07 -21.58 4.29
CA LEU A 407 -10.14 -21.79 2.84
C LEU A 407 -8.77 -22.22 2.30
N ARG A 408 -8.80 -23.04 1.27
CA ARG A 408 -7.65 -23.16 0.36
C ARG A 408 -8.08 -22.52 -0.94
N VAL A 409 -7.33 -21.53 -1.40
CA VAL A 409 -7.65 -20.79 -2.67
C VAL A 409 -6.50 -21.11 -3.63
N HIS A 410 -6.66 -20.81 -4.93
CA HIS A 410 -5.63 -21.14 -5.95
C HIS A 410 -5.29 -22.63 -5.82
N ALA A 411 -6.30 -23.45 -5.54
CA ALA A 411 -6.13 -24.89 -5.28
C ALA A 411 -6.13 -25.63 -6.64
N THR A 412 -4.92 -25.84 -7.19
CA THR A 412 -4.69 -26.37 -8.56
C THR A 412 -4.50 -27.90 -8.54
N GLU A 413 -4.57 -28.50 -9.72
CA GLU A 413 -4.55 -29.99 -9.90
C GLU A 413 -3.18 -30.58 -9.51
N ASP A 414 -2.14 -29.76 -9.45
CA ASP A 414 -0.81 -30.20 -8.95
C ASP A 414 -0.77 -30.28 -7.42
N GLY A 415 -1.86 -29.98 -6.71
CA GLY A 415 -1.90 -30.07 -5.23
C GLY A 415 -1.40 -28.79 -4.56
N ALA A 416 -1.04 -27.76 -5.33
CA ALA A 416 -0.62 -26.47 -4.77
C ALA A 416 -1.85 -25.63 -4.37
N TYR A 417 -1.67 -24.76 -3.40
CA TYR A 417 -2.76 -23.91 -2.86
C TYR A 417 -2.18 -22.85 -1.94
N THR A 418 -2.98 -21.84 -1.62
CA THR A 418 -2.70 -20.86 -0.54
C THR A 418 -3.80 -21.07 0.51
N SER A 419 -3.42 -21.17 1.77
CA SER A 419 -4.37 -21.40 2.89
CA SER A 419 -4.41 -21.39 2.85
C SER A 419 -4.68 -20.07 3.57
N VAL A 420 -5.94 -19.84 3.89
CA VAL A 420 -6.42 -18.69 4.71
C VAL A 420 -7.24 -19.30 5.83
N ALA A 421 -6.70 -19.29 7.03
CA ALA A 421 -7.25 -20.10 8.14
C ALA A 421 -7.15 -19.37 9.46
N TYR A 422 -8.10 -19.68 10.35
CA TYR A 422 -7.98 -19.45 11.80
C TYR A 422 -7.15 -20.62 12.35
N ASP A 423 -6.18 -20.32 13.21
CA ASP A 423 -5.25 -21.29 13.85
C ASP A 423 -5.45 -21.16 15.36
N ASP A 424 -6.06 -22.17 15.97
CA ASP A 424 -6.41 -22.18 17.40
C ASP A 424 -5.17 -22.35 18.29
N GLN A 425 -4.05 -22.84 17.76
CA GLN A 425 -2.84 -23.04 18.61
C GLN A 425 -2.17 -21.68 18.91
N ILE A 426 -2.23 -20.73 17.98
CA ILE A 426 -1.64 -19.38 18.14
C ILE A 426 -2.73 -18.31 18.28
N GLY A 427 -4.00 -18.65 18.10
CA GLY A 427 -5.10 -17.67 18.21
C GLY A 427 -4.97 -16.55 17.18
N ARG A 428 -4.65 -16.91 15.94
CA ARG A 428 -4.43 -15.91 14.86
C ARG A 428 -5.07 -16.39 13.55
N VAL A 429 -5.28 -15.44 12.64
CA VAL A 429 -5.56 -15.72 11.22
C VAL A 429 -4.21 -15.83 10.52
N VAL A 430 -4.09 -16.81 9.63
CA VAL A 430 -2.79 -17.16 8.99
C VAL A 430 -3.01 -17.22 7.49
N VAL A 431 -2.14 -16.58 6.72
CA VAL A 431 -2.03 -16.81 5.25
C VAL A 431 -0.75 -17.64 5.07
N ASP A 432 -0.92 -18.89 4.65
CA ASP A 432 0.21 -19.86 4.54
C ASP A 432 0.40 -20.24 3.07
N ARG A 433 1.60 -20.02 2.57
CA ARG A 433 1.97 -20.22 1.16
C ARG A 433 2.87 -21.45 1.07
N GLN A 434 2.93 -22.25 2.12
CA GLN A 434 3.84 -23.44 2.11
C GLN A 434 3.59 -24.29 0.86
N ALA A 435 2.34 -24.47 0.44
CA ALA A 435 1.95 -25.34 -0.71
C ALA A 435 1.90 -24.53 -2.02
N ASN A 436 2.43 -23.30 -2.08
CA ASN A 436 2.61 -22.60 -3.39
C ASN A 436 3.68 -23.34 -4.21
N ALA A 437 3.46 -23.55 -5.51
CA ALA A 437 4.44 -24.24 -6.39
C ALA A 437 5.58 -23.30 -6.76
N GLN A 438 5.40 -21.98 -6.61
CA GLN A 438 6.41 -20.96 -6.97
C GLN A 438 6.38 -19.84 -5.93
N GLY A 439 7.43 -19.01 -5.91
CA GLY A 439 7.59 -17.89 -4.99
C GLY A 439 8.21 -18.35 -3.69
N ASP A 440 8.37 -17.44 -2.72
CA ASP A 440 9.23 -17.70 -1.53
C ASP A 440 8.46 -18.40 -0.42
N ARG A 441 7.16 -18.60 -0.57
CA ARG A 441 6.32 -19.41 0.35
C ARG A 441 6.21 -18.74 1.73
N GLY A 442 6.37 -19.49 2.81
CA GLY A 442 6.30 -18.96 4.18
C GLY A 442 4.90 -18.58 4.56
N TYR A 443 4.71 -18.11 5.79
CA TYR A 443 3.35 -17.77 6.29
C TYR A 443 3.40 -16.44 7.06
N ARG A 444 2.22 -15.84 7.18
CA ARG A 444 2.01 -14.56 7.87
C ARG A 444 0.76 -14.66 8.74
N THR A 445 0.81 -14.01 9.90
CA THR A 445 -0.27 -14.11 10.90
C THR A 445 -0.77 -12.71 11.24
N ALA A 446 -2.05 -12.62 11.55
CA ALA A 446 -2.68 -11.40 12.10
C ALA A 446 -3.17 -11.76 13.48
N PRO A 447 -2.89 -10.93 14.50
CA PRO A 447 -3.38 -11.17 15.85
C PRO A 447 -4.90 -10.97 15.97
N LEU A 448 -5.48 -11.69 16.92
CA LEU A 448 -6.87 -11.52 17.39
C LEU A 448 -6.80 -11.10 18.86
N SER A 449 -7.54 -10.06 19.24
CA SER A 449 -7.62 -9.58 20.64
C SER A 449 -8.29 -10.65 21.50
N GLU A 450 -8.13 -10.55 22.81
CA GLU A 450 -8.82 -11.43 23.78
C GLU A 450 -10.33 -11.37 23.51
N ALA A 451 -10.84 -10.18 23.22
CA ALA A 451 -12.27 -9.97 22.92
C ALA A 451 -12.66 -10.77 21.66
N GLU A 452 -11.86 -10.68 20.60
CA GLU A 452 -12.16 -11.35 19.31
C GLU A 452 -12.13 -12.87 19.54
N LEU A 453 -11.19 -13.38 20.35
CA LEU A 453 -11.02 -14.83 20.62
C LEU A 453 -12.18 -15.35 21.49
N ALA A 454 -12.78 -14.49 22.30
CA ALA A 454 -13.91 -14.85 23.20
C ALA A 454 -15.26 -14.65 22.50
N ALA A 455 -15.29 -14.04 21.32
CA ALA A 455 -16.55 -13.62 20.65
C ALA A 455 -17.31 -14.82 20.07
N GLY A 456 -16.66 -15.96 19.84
CA GLY A 456 -17.42 -17.14 19.36
C GLY A 456 -17.80 -17.05 17.88
N GLU A 457 -17.48 -15.96 17.18
CA GLU A 457 -17.49 -15.99 15.70
C GLU A 457 -16.37 -15.10 15.15
N LEU A 458 -15.93 -15.45 13.94
CA LEU A 458 -14.81 -14.81 13.22
C LEU A 458 -15.27 -14.59 11.79
N LYS A 459 -15.19 -13.34 11.32
CA LYS A 459 -15.53 -12.98 9.92
C LYS A 459 -14.23 -12.83 9.13
N LEU A 460 -14.18 -13.47 7.97
CA LEU A 460 -13.12 -13.33 6.95
C LEU A 460 -13.78 -12.81 5.68
N ARG A 461 -13.17 -11.81 5.06
CA ARG A 461 -13.52 -11.35 3.71
C ARG A 461 -12.24 -11.48 2.87
N VAL A 462 -12.22 -12.42 1.93
CA VAL A 462 -11.02 -12.86 1.18
C VAL A 462 -11.19 -12.47 -0.29
N TYR A 463 -10.33 -11.59 -0.79
CA TYR A 463 -10.23 -11.30 -2.23
C TYR A 463 -9.13 -12.18 -2.84
N VAL A 464 -9.51 -12.93 -3.87
CA VAL A 464 -8.61 -13.79 -4.66
C VAL A 464 -8.56 -13.17 -6.06
N ASP A 465 -7.41 -12.63 -6.45
CA ASP A 465 -7.13 -12.17 -7.82
C ASP A 465 -6.21 -13.20 -8.46
N ARG A 466 -5.78 -12.95 -9.69
CA ARG A 466 -4.99 -13.95 -10.44
C ARG A 466 -3.68 -14.28 -9.71
N GLY A 467 -3.09 -13.30 -9.01
CA GLY A 467 -1.72 -13.39 -8.46
C GLY A 467 -1.60 -13.02 -7.00
N CYS A 468 -2.69 -12.81 -6.29
CA CYS A 468 -2.61 -12.30 -4.90
C CYS A 468 -3.89 -12.59 -4.16
N VAL A 469 -3.82 -12.54 -2.84
CA VAL A 469 -4.96 -12.63 -1.89
C VAL A 469 -4.92 -11.40 -0.97
N GLU A 470 -6.09 -10.94 -0.55
CA GLU A 470 -6.27 -9.90 0.48
C GLU A 470 -7.30 -10.40 1.47
N VAL A 471 -6.92 -10.48 2.73
CA VAL A 471 -7.75 -11.13 3.75
C VAL A 471 -8.13 -10.08 4.79
N TYR A 472 -9.40 -9.67 4.79
CA TYR A 472 -9.94 -8.71 5.79
C TYR A 472 -10.54 -9.51 6.95
N VAL A 473 -10.06 -9.23 8.15
CA VAL A 473 -10.41 -9.98 9.40
C VAL A 473 -11.30 -9.08 10.26
N ASN A 474 -12.49 -9.58 10.61
CA ASN A 474 -13.46 -8.91 11.51
C ASN A 474 -13.67 -7.48 11.05
N ASP A 475 -14.10 -7.33 9.80
CA ASP A 475 -14.47 -6.04 9.19
C ASP A 475 -13.24 -5.12 9.21
N GLY A 476 -12.09 -5.66 8.86
CA GLY A 476 -10.85 -4.89 8.70
C GLY A 476 -10.18 -4.50 10.00
N ARG A 477 -10.43 -5.20 11.10
CA ARG A 477 -9.62 -5.01 12.35
C ARG A 477 -8.14 -5.32 12.02
N GLN A 478 -7.91 -6.38 11.25
CA GLN A 478 -6.58 -6.64 10.59
C GLN A 478 -6.78 -7.00 9.12
N VAL A 479 -5.72 -6.85 8.33
CA VAL A 479 -5.72 -7.26 6.90
C VAL A 479 -4.40 -7.97 6.62
N LEU A 480 -4.42 -8.99 5.76
CA LEU A 480 -3.20 -9.63 5.23
C LEU A 480 -3.29 -9.58 3.71
N SER A 481 -2.28 -8.99 3.08
CA SER A 481 -2.08 -8.93 1.62
C SER A 481 -0.83 -9.74 1.28
N SER A 482 -0.99 -10.76 0.45
CA SER A 482 0.13 -11.62 -0.01
C SER A 482 -0.03 -11.95 -1.49
N TYR A 483 1.08 -11.95 -2.23
CA TYR A 483 1.16 -12.64 -3.54
C TYR A 483 0.91 -14.13 -3.33
N SER A 484 0.19 -14.73 -4.28
CA SER A 484 -0.18 -16.17 -4.32
C SER A 484 -0.01 -16.66 -5.77
N TYR A 485 1.02 -17.47 -6.02
CA TYR A 485 1.52 -17.81 -7.38
C TYR A 485 0.83 -19.10 -7.87
N ALA A 486 -0.46 -18.98 -8.14
CA ALA A 486 -1.34 -20.05 -8.64
C ALA A 486 -0.67 -20.80 -9.80
N SER A 487 -0.75 -22.12 -9.78
CA SER A 487 -0.27 -22.99 -10.89
C SER A 487 -1.29 -22.95 -12.03
N GLU A 488 -0.98 -23.66 -13.10
CA GLU A 488 -1.81 -23.78 -14.32
C GLU A 488 -3.09 -24.58 -14.00
N GLY A 489 -4.11 -24.42 -14.85
CA GLY A 489 -5.32 -25.24 -14.77
C GLY A 489 -6.37 -24.58 -13.89
N PRO A 490 -7.46 -25.29 -13.60
CA PRO A 490 -8.50 -24.76 -12.74
C PRO A 490 -7.95 -24.50 -11.33
N ARG A 491 -8.46 -23.41 -10.74
CA ARG A 491 -8.07 -22.89 -9.41
C ARG A 491 -9.26 -23.01 -8.44
N ALA A 492 -9.35 -24.13 -7.72
CA ALA A 492 -10.48 -24.42 -6.82
C ALA A 492 -10.43 -23.51 -5.59
N ILE A 493 -11.58 -23.37 -4.95
CA ILE A 493 -11.73 -22.86 -3.56
C ILE A 493 -12.29 -24.03 -2.76
N LYS A 494 -11.60 -24.39 -1.66
CA LYS A 494 -12.04 -25.49 -0.75
C LYS A 494 -12.22 -24.92 0.65
N LEU A 495 -13.25 -25.41 1.34
CA LEU A 495 -13.45 -25.15 2.78
C LEU A 495 -12.80 -26.34 3.49
N VAL A 496 -11.91 -26.08 4.45
CA VAL A 496 -11.11 -27.16 5.06
C VAL A 496 -11.20 -27.06 6.59
N ALA A 497 -11.45 -28.19 7.26
CA ALA A 497 -11.32 -28.32 8.73
C ALA A 497 -10.18 -29.31 9.00
N GLU A 498 -9.13 -28.85 9.69
CA GLU A 498 -8.04 -29.73 10.14
C GLU A 498 -8.23 -30.07 11.61
N SER A 499 -8.17 -31.37 11.91
CA SER A 499 -8.11 -31.92 13.28
C SER A 499 -9.32 -31.46 14.09
N GLY A 500 -10.52 -31.52 13.49
CA GLY A 500 -11.79 -31.38 14.22
C GLY A 500 -12.87 -30.84 13.31
N THR A 501 -13.95 -30.36 13.93
CA THR A 501 -15.19 -29.97 13.25
C THR A 501 -15.13 -28.48 12.90
N LEU A 502 -15.93 -28.11 11.89
CA LEU A 502 -16.06 -26.70 11.49
C LEU A 502 -17.53 -26.38 11.24
N LYS A 503 -18.02 -25.34 11.90
CA LYS A 503 -19.37 -24.78 11.65
C LYS A 503 -19.19 -23.38 11.05
N VAL A 504 -19.59 -23.24 9.81
CA VAL A 504 -19.57 -21.96 9.04
C VAL A 504 -20.99 -21.45 9.03
N LYS A 505 -21.24 -20.29 9.62
CA LYS A 505 -22.60 -19.71 9.75
C LYS A 505 -23.07 -19.25 8.37
N SER A 506 -22.14 -18.75 7.55
CA SER A 506 -22.41 -18.17 6.22
C SER A 506 -21.15 -18.27 5.38
N LEU A 507 -21.29 -18.69 4.13
CA LEU A 507 -20.25 -18.55 3.08
C LEU A 507 -20.93 -18.04 1.82
N VAL A 508 -20.42 -16.94 1.28
CA VAL A 508 -20.97 -16.24 0.09
C VAL A 508 -19.79 -15.92 -0.83
N LEU A 509 -19.94 -16.22 -2.13
CA LEU A 509 -18.95 -15.95 -3.19
C LEU A 509 -19.49 -14.86 -4.11
N HIS A 510 -18.62 -13.91 -4.49
CA HIS A 510 -18.91 -12.92 -5.55
C HIS A 510 -17.80 -13.01 -6.59
N HIS A 511 -18.17 -13.22 -7.85
CA HIS A 511 -17.27 -13.06 -9.02
C HIS A 511 -16.90 -11.58 -9.13
N MET A 512 -15.62 -11.29 -9.36
CA MET A 512 -15.10 -9.91 -9.47
C MET A 512 -15.03 -9.51 -10.94
N LYS A 513 -15.50 -8.30 -11.23
CA LYS A 513 -15.41 -7.71 -12.59
C LYS A 513 -14.01 -7.17 -12.82
N SER A 514 -13.62 -6.96 -14.09
CA SER A 514 -12.36 -6.25 -14.46
C SER A 514 -12.52 -4.77 -14.15
N ILE A 515 -11.48 -4.14 -13.58
CA ILE A 515 -11.48 -2.66 -13.37
C ILE A 515 -11.03 -1.96 -14.67
N GLY A 516 -10.79 -2.72 -15.75
CA GLY A 516 -10.57 -2.15 -17.09
C GLY A 516 -9.14 -1.69 -17.36
N LEU A 517 -8.17 -2.15 -16.55
CA LEU A 517 -6.75 -1.73 -16.69
C LEU A 517 -5.89 -2.79 -17.36
N GLU A 518 -6.40 -4.01 -17.49
CA GLU A 518 -5.63 -5.16 -18.03
C GLU A 518 -5.65 -5.09 -19.57
C1 EDO B . 12.06 0.92 -3.59
O1 EDO B . 13.08 1.62 -2.89
C2 EDO B . 11.64 -0.27 -2.81
O2 EDO B . 11.06 0.06 -1.51
C1 EDO C . 1.99 -9.85 12.85
O1 EDO C . 2.33 -11.08 12.22
C2 EDO C . 2.71 -9.61 14.10
O2 EDO C . 1.82 -9.38 15.15
C1 EDO D . -12.38 18.77 -5.35
O1 EDO D . -11.72 19.01 -6.58
C2 EDO D . -13.27 17.56 -5.33
O2 EDO D . -14.03 17.35 -6.53
C1 EDO E . -9.47 0.24 -7.08
O1 EDO E . -8.24 0.58 -6.49
C2 EDO E . -9.69 -1.24 -7.13
O2 EDO E . -8.53 -2.02 -7.37
C1 EDO F . 4.89 10.46 0.49
O1 EDO F . 4.97 10.41 1.92
C2 EDO F . 4.72 9.11 -0.14
O2 EDO F . 3.75 8.28 0.48
C1 FRU G . 9.71 3.19 -0.70
C2 FRU G . 10.62 4.05 -1.58
C3 FRU G . 10.46 5.52 -1.32
C4 FRU G . 11.04 6.08 -2.62
C5 FRU G . 10.54 5.12 -3.66
C6 FRU G . 11.55 5.02 -4.77
O1 FRU G . 9.41 1.99 -1.41
O2 FRU G . 12.00 3.73 -1.37
O3 FRU G . 11.16 5.95 -0.14
O4 FRU G . 10.66 7.43 -2.84
O5 FRU G . 10.34 3.87 -2.97
O6 FRU G . 10.98 4.32 -5.86
#